data_6FSO
#
_entry.id   6FSO
#
_cell.length_a   90.460
_cell.length_b   64.713
_cell.length_c   70.552
_cell.angle_alpha   90.00
_cell.angle_beta   95.71
_cell.angle_gamma   90.00
#
_symmetry.space_group_name_H-M   'C 1 2 1'
#
loop_
_entity.id
_entity.type
_entity.pdbx_description
1 polymer 'Queuine tRNA-ribosyltransferase'
2 non-polymer 'ZINC ION'
3 non-polymer DI(HYDROXYETHYL)ETHER
4 non-polymer 'DIMETHYL SULFOXIDE'
5 non-polymer N-methyl-1-[5-(pyridin-3-yloxy)furan-2-yl]methanamine
6 non-polymer 'TETRAETHYLENE GLYCOL'
7 non-polymer 'ACETATE ION'
8 non-polymer 'TRIETHYLENE GLYCOL'
9 water water
#
_entity_poly.entity_id   1
_entity_poly.type   'polypeptide(L)'
_entity_poly.pdbx_seq_one_letter_code
;DRPRFSFSIAAREGKARTGTIEMKRGVIRTPAFMPVGTAATVKALKPETVRATGADIILGNTYHLMLRPGAERIAKLGGL
HSFMGWDRPILTDSGGYQVMSLSSLTKQSEEGVTFKSHLDGSRHMLSPERSIEIQHLLGSDIVMAFDECTPYPATPSRAA
SSMERSMRWAKRSRDAFDSRKEQAENAALFGIQQGSVFENLRQQSADALAEIGFDGYAVGGLAVGEGQDEMFRVLDFSVP
MLPDDKPHYLMGVGKPDDIVGAVERGIDMFDCVLPTRSGRNGQAFTWDGPINIRNARFSEDLKPLDSECHCAVCQKWSRA
YIHHLIRAGEILGAMLMTEHNIAFYQQLMQKIRDSISEGRFSQFAQDFRARYFAR
;
_entity_poly.pdbx_strand_id   A
#
loop_
_chem_comp.id
_chem_comp.type
_chem_comp.name
_chem_comp.formula
ACT non-polymer 'ACETATE ION' 'C2 H3 O2 -1'
DMS non-polymer 'DIMETHYL SULFOXIDE' 'C2 H6 O S'
F63 non-polymer N-methyl-1-[5-(pyridin-3-yloxy)furan-2-yl]methanamine 'C11 H12 N2 O2'
PEG non-polymer DI(HYDROXYETHYL)ETHER 'C4 H10 O3'
PG4 non-polymer 'TETRAETHYLENE GLYCOL' 'C8 H18 O5'
PGE non-polymer 'TRIETHYLENE GLYCOL' 'C6 H14 O4'
ZN non-polymer 'ZINC ION' 'Zn 2'
#
# COMPACT_ATOMS: atom_id res chain seq x y z
N ARG A 2 12.78 -17.98 -10.37
N ARG A 2 12.45 -18.78 -10.74
CA ARG A 2 11.36 -17.76 -10.11
CA ARG A 2 11.43 -17.87 -10.23
C ARG A 2 10.68 -17.12 -11.31
C ARG A 2 10.69 -17.18 -11.38
N PRO A 3 9.36 -17.25 -11.38
CA PRO A 3 8.61 -16.54 -12.41
C PRO A 3 8.60 -15.04 -12.17
N ARG A 4 8.39 -14.30 -13.26
CA ARG A 4 8.20 -12.85 -13.15
C ARG A 4 7.02 -12.55 -12.26
N PHE A 5 5.94 -13.29 -12.42
CA PHE A 5 4.72 -13.02 -11.67
C PHE A 5 3.80 -14.24 -11.72
N SER A 6 3.49 -14.81 -10.57
CA SER A 6 2.51 -15.88 -10.47
C SER A 6 1.69 -15.70 -9.21
N PHE A 7 0.41 -15.35 -9.35
CA PHE A 7 -0.53 -15.29 -8.23
C PHE A 7 -1.29 -16.62 -8.13
N SER A 8 -1.19 -17.27 -6.97
CA SER A 8 -1.90 -18.52 -6.71
C SER A 8 -2.80 -18.35 -5.48
N ILE A 9 -4.07 -18.69 -5.63
CA ILE A 9 -5.04 -18.64 -4.53
C ILE A 9 -5.09 -20.01 -3.87
N ALA A 10 -4.69 -20.07 -2.61
CA ALA A 10 -4.68 -21.33 -1.87
C ALA A 10 -6.01 -21.65 -1.20
N ALA A 11 -6.78 -20.64 -0.81
CA ALA A 11 -8.01 -20.88 -0.08
C ALA A 11 -8.89 -19.64 -0.18
N ARG A 12 -10.20 -19.87 -0.04
CA ARG A 12 -11.21 -18.82 -0.13
CA ARG A 12 -11.21 -18.82 -0.13
C ARG A 12 -12.24 -19.02 0.97
N GLU A 13 -12.84 -17.91 1.39
CA GLU A 13 -14.00 -17.93 2.29
C GLU A 13 -14.87 -16.73 1.93
N GLY A 14 -16.06 -16.99 1.42
CA GLY A 14 -16.84 -15.90 0.88
C GLY A 14 -16.08 -15.22 -0.25
N LYS A 15 -15.97 -13.91 -0.17
CA LYS A 15 -15.19 -13.14 -1.14
C LYS A 15 -13.72 -13.04 -0.78
N ALA A 16 -13.34 -13.48 0.42
CA ALA A 16 -11.97 -13.36 0.86
C ALA A 16 -11.11 -14.48 0.29
N ARG A 17 -9.85 -14.14 -0.01
CA ARG A 17 -8.88 -15.08 -0.57
C ARG A 17 -7.56 -14.98 0.18
N THR A 18 -6.83 -16.09 0.22
CA THR A 18 -5.46 -16.09 0.71
C THR A 18 -4.62 -16.89 -0.26
N GLY A 19 -3.40 -16.44 -0.46
CA GLY A 19 -2.51 -17.08 -1.41
C GLY A 19 -1.15 -16.44 -1.43
N THR A 20 -0.50 -16.52 -2.59
CA THR A 20 0.86 -16.03 -2.75
C THR A 20 1.01 -15.39 -4.13
N ILE A 21 1.87 -14.36 -4.18
CA ILE A 21 2.40 -13.83 -5.42
C ILE A 21 3.89 -14.21 -5.43
N GLU A 22 4.30 -15.00 -6.41
CA GLU A 22 5.69 -15.38 -6.57
C GLU A 22 6.30 -14.45 -7.62
N MET A 23 7.42 -13.82 -7.26
CA MET A 23 8.15 -12.89 -8.11
C MET A 23 9.63 -13.24 -8.05
N LYS A 24 10.43 -12.59 -8.89
N LYS A 24 10.43 -12.62 -8.91
CA LYS A 24 11.84 -12.94 -8.98
CA LYS A 24 11.85 -12.96 -8.96
C LYS A 24 12.61 -12.57 -7.71
C LYS A 24 12.55 -12.64 -7.64
N ARG A 25 12.15 -11.58 -6.96
CA ARG A 25 12.79 -11.20 -5.70
CA ARG A 25 12.80 -11.20 -5.70
C ARG A 25 12.17 -11.83 -4.45
N GLY A 26 11.14 -12.65 -4.59
CA GLY A 26 10.57 -13.34 -3.44
C GLY A 26 9.08 -13.58 -3.58
N VAL A 27 8.54 -14.17 -2.53
CA VAL A 27 7.13 -14.51 -2.41
C VAL A 27 6.44 -13.51 -1.49
N ILE A 28 5.26 -13.08 -1.90
CA ILE A 28 4.40 -12.17 -1.15
C ILE A 28 3.19 -12.98 -0.70
N ARG A 29 3.00 -13.11 0.61
CA ARG A 29 1.82 -13.78 1.15
C ARG A 29 0.63 -12.81 1.16
N THR A 30 -0.53 -13.27 0.69
CA THR A 30 -1.71 -12.41 0.62
C THR A 30 -2.86 -13.00 1.45
N PRO A 31 -3.69 -12.14 2.07
CA PRO A 31 -3.61 -10.67 2.01
C PRO A 31 -2.35 -10.09 2.62
N ALA A 32 -1.83 -9.05 1.99
CA ALA A 32 -0.55 -8.44 2.30
C ALA A 32 -0.71 -6.99 2.71
N PHE A 33 0.08 -6.58 3.69
CA PHE A 33 0.24 -5.18 4.03
C PHE A 33 1.66 -4.74 3.71
N MET A 34 1.76 -3.64 2.95
CA MET A 34 3.02 -3.03 2.53
C MET A 34 3.34 -1.81 3.37
N PRO A 35 4.36 -1.84 4.22
CA PRO A 35 4.88 -0.61 4.81
C PRO A 35 5.30 0.37 3.72
N VAL A 36 5.13 1.65 3.99
CA VAL A 36 5.43 2.71 3.03
C VAL A 36 6.83 3.24 3.30
N GLY A 37 7.67 3.19 2.27
N GLY A 37 7.68 3.21 2.27
CA GLY A 37 9.08 3.53 2.37
CA GLY A 37 8.91 3.96 2.26
C GLY A 37 9.44 4.81 1.65
C GLY A 37 8.70 5.21 1.42
N THR A 38 8.52 5.78 1.70
N THR A 38 8.82 6.36 2.06
CA THR A 38 8.70 7.18 1.26
CA THR A 38 8.60 7.59 1.30
C THR A 38 9.92 7.43 0.38
C THR A 38 9.77 7.75 0.35
N ALA A 39 10.91 8.14 0.90
CA ALA A 39 12.09 8.51 0.14
C ALA A 39 13.22 7.52 0.38
N ALA A 40 12.99 6.27 -0.02
CA ALA A 40 13.99 5.21 0.07
C ALA A 40 14.29 4.84 1.51
N THR A 41 13.30 4.97 2.40
CA THR A 41 13.40 4.48 3.76
C THR A 41 12.00 4.33 4.34
N VAL A 42 11.77 3.20 5.01
CA VAL A 42 10.61 3.04 5.89
C VAL A 42 11.01 3.76 7.16
N LYS A 43 10.34 4.88 7.45
CA LYS A 43 10.88 5.86 8.38
C LYS A 43 11.20 5.23 9.73
N ALA A 44 12.43 5.43 10.19
CA ALA A 44 12.90 5.00 11.51
C ALA A 44 13.21 3.51 11.63
N LEU A 45 13.28 2.77 10.53
CA LEU A 45 13.54 1.32 10.58
C LEU A 45 14.60 0.96 9.55
N LYS A 46 15.58 0.17 9.99
CA LYS A 46 16.46 -0.52 9.05
C LYS A 46 15.66 -1.58 8.28
N PRO A 47 16.04 -1.84 7.01
CA PRO A 47 15.35 -2.91 6.26
C PRO A 47 15.29 -4.25 6.96
N GLU A 48 16.34 -4.64 7.69
CA GLU A 48 16.30 -5.91 8.40
C GLU A 48 15.20 -5.91 9.45
N THR A 49 14.94 -4.75 10.08
CA THR A 49 13.86 -4.67 11.07
C THR A 49 12.50 -4.76 10.38
N VAL A 50 12.35 -4.10 9.22
CA VAL A 50 11.11 -4.21 8.47
C VAL A 50 10.83 -5.68 8.16
N ARG A 51 11.86 -6.40 7.71
CA ARG A 51 11.69 -7.81 7.39
C ARG A 51 11.38 -8.62 8.63
N ALA A 52 12.02 -8.30 9.75
CA ALA A 52 11.80 -9.07 10.98
C ALA A 52 10.36 -8.99 11.45
N THR A 53 9.65 -7.89 11.12
CA THR A 53 8.24 -7.78 11.46
C THR A 53 7.36 -8.71 10.65
N GLY A 54 7.87 -9.26 9.55
CA GLY A 54 7.10 -10.14 8.69
C GLY A 54 6.74 -9.56 7.34
N ALA A 55 7.09 -8.32 7.05
CA ALA A 55 6.75 -7.74 5.76
C ALA A 55 7.47 -8.48 4.64
N ASP A 56 6.74 -8.71 3.55
CA ASP A 56 7.24 -9.38 2.36
C ASP A 56 7.55 -8.41 1.22
N ILE A 57 7.01 -7.20 1.27
CA ILE A 57 7.11 -6.21 0.20
C ILE A 57 6.87 -4.84 0.85
N ILE A 58 7.53 -3.82 0.34
CA ILE A 58 7.35 -2.43 0.78
C ILE A 58 6.96 -1.59 -0.43
N LEU A 59 6.39 -0.43 -0.15
CA LEU A 59 6.03 0.53 -1.19
C LEU A 59 7.06 1.66 -1.22
N GLY A 60 7.39 2.14 -2.40
CA GLY A 60 8.19 3.36 -2.56
C GLY A 60 7.39 4.43 -3.28
N ASN A 61 7.49 5.69 -2.81
CA ASN A 61 6.76 6.83 -3.38
C ASN A 61 7.57 7.46 -4.52
N THR A 62 7.08 7.27 -5.75
CA THR A 62 7.76 7.81 -6.93
C THR A 62 7.90 9.32 -6.88
N TYR A 63 6.86 10.03 -6.43
CA TYR A 63 6.93 11.50 -6.42
C TYR A 63 8.09 11.98 -5.57
N HIS A 64 8.22 11.44 -4.37
CA HIS A 64 9.31 11.88 -3.52
C HIS A 64 10.66 11.46 -4.08
N LEU A 65 10.78 10.23 -4.54
CA LEU A 65 12.06 9.76 -5.05
C LEU A 65 12.52 10.55 -6.27
N MET A 66 11.59 10.97 -7.13
CA MET A 66 12.01 11.68 -8.33
C MET A 66 12.54 13.05 -8.01
N LEU A 67 12.14 13.62 -6.88
CA LEU A 67 12.66 14.93 -6.46
C LEU A 67 13.95 14.81 -5.68
N ARG A 68 14.04 13.83 -4.81
CA ARG A 68 15.23 13.62 -3.98
C ARG A 68 15.30 12.12 -3.68
N PRO A 69 16.37 11.44 -4.11
CA PRO A 69 17.61 11.91 -4.76
C PRO A 69 17.54 12.07 -6.29
N GLY A 70 16.39 11.74 -6.89
CA GLY A 70 16.25 11.66 -8.33
C GLY A 70 16.31 10.23 -8.82
N ALA A 71 15.49 9.88 -9.83
CA ALA A 71 15.44 8.51 -10.30
C ALA A 71 16.69 8.15 -11.09
N GLU A 72 17.19 9.08 -11.91
CA GLU A 72 18.42 8.83 -12.66
C GLU A 72 19.58 8.54 -11.74
N ARG A 73 19.73 9.31 -10.66
CA ARG A 73 20.79 9.04 -9.69
C ARG A 73 20.64 7.66 -9.07
N ILE A 74 19.44 7.29 -8.64
CA ILE A 74 19.25 5.95 -8.07
C ILE A 74 19.63 4.87 -9.08
N ALA A 75 19.28 5.05 -10.35
CA ALA A 75 19.63 4.03 -11.34
C ALA A 75 21.14 3.96 -11.49
N LYS A 76 21.82 5.10 -11.53
CA LYS A 76 23.26 5.15 -11.67
C LYS A 76 23.94 4.44 -10.50
N LEU A 77 23.34 4.51 -9.31
CA LEU A 77 23.87 3.87 -8.12
C LEU A 77 23.44 2.42 -7.97
N GLY A 78 22.73 1.86 -8.94
CA GLY A 78 22.38 0.45 -8.91
C GLY A 78 20.93 0.10 -8.64
N GLY A 79 20.04 1.08 -8.54
CA GLY A 79 18.63 0.86 -8.34
C GLY A 79 18.24 0.99 -6.88
N LEU A 80 16.93 1.06 -6.67
CA LEU A 80 16.41 1.39 -5.34
C LEU A 80 16.71 0.28 -4.33
N HIS A 81 16.60 -0.99 -4.73
CA HIS A 81 16.91 -2.09 -3.82
C HIS A 81 18.32 -1.99 -3.28
N SER A 82 19.29 -1.78 -4.16
CA SER A 82 20.68 -1.68 -3.74
C SER A 82 20.90 -0.44 -2.88
N PHE A 83 20.31 0.69 -3.31
CA PHE A 83 20.52 1.96 -2.64
C PHE A 83 20.06 1.90 -1.18
N MET A 84 18.86 1.37 -0.93
CA MET A 84 18.32 1.37 0.44
C MET A 84 18.57 0.07 1.21
N GLY A 85 19.05 -0.99 0.56
CA GLY A 85 19.36 -2.21 1.29
C GLY A 85 18.18 -3.12 1.56
N TRP A 86 17.18 -3.11 0.67
CA TRP A 86 16.03 -4.02 0.73
C TRP A 86 16.05 -4.84 -0.55
N ASP A 87 16.24 -6.16 -0.42
CA ASP A 87 16.41 -7.01 -1.61
C ASP A 87 15.15 -7.78 -2.01
N ARG A 88 14.03 -7.56 -1.34
CA ARG A 88 12.77 -8.24 -1.62
C ARG A 88 11.89 -7.33 -2.49
N PRO A 89 10.69 -7.75 -2.85
CA PRO A 89 9.91 -6.94 -3.80
C PRO A 89 9.59 -5.54 -3.26
N ILE A 90 9.51 -4.59 -4.21
CA ILE A 90 9.08 -3.21 -3.97
C ILE A 90 8.00 -2.87 -4.99
N LEU A 91 6.89 -2.30 -4.53
CA LEU A 91 5.87 -1.71 -5.39
C LEU A 91 6.07 -0.22 -5.37
N THR A 92 6.05 0.41 -6.54
CA THR A 92 6.10 1.86 -6.60
C THR A 92 4.79 2.41 -7.13
N ASP A 93 4.31 3.48 -6.50
CA ASP A 93 3.19 4.22 -7.05
C ASP A 93 3.65 5.00 -8.28
N SER A 94 2.69 5.65 -8.95
CA SER A 94 2.99 6.29 -10.23
C SER A 94 3.56 7.70 -10.06
N GLY A 95 3.40 8.29 -8.88
CA GLY A 95 3.74 9.68 -8.63
C GLY A 95 2.59 10.64 -8.75
N GLY A 96 1.49 10.23 -9.38
CA GLY A 96 0.46 11.18 -9.77
C GLY A 96 -0.31 11.75 -8.59
N TYR A 97 -0.60 10.92 -7.59
CA TYR A 97 -1.43 11.37 -6.48
C TYR A 97 -0.75 12.47 -5.69
N GLN A 98 0.56 12.32 -5.41
CA GLN A 98 1.27 13.35 -4.66
C GLN A 98 1.37 14.66 -5.43
N VAL A 99 1.46 14.61 -6.76
CA VAL A 99 1.40 15.85 -7.53
C VAL A 99 0.13 16.61 -7.19
N MET A 100 -0.99 15.88 -7.10
CA MET A 100 -2.26 16.49 -6.72
C MET A 100 -2.22 17.00 -5.28
N SER A 101 -1.78 16.15 -4.35
CA SER A 101 -1.73 16.52 -2.94
C SER A 101 -0.55 17.43 -2.65
N LYS A 107 -0.19 22.84 -14.25
CA LYS A 107 -0.70 22.62 -15.61
C LYS A 107 -0.96 21.14 -15.83
N GLN A 108 -2.21 20.81 -16.12
CA GLN A 108 -2.61 19.44 -16.41
C GLN A 108 -3.28 19.40 -17.78
N SER A 109 -2.99 18.35 -18.54
CA SER A 109 -3.57 18.16 -19.85
C SER A 109 -3.59 16.66 -20.15
N GLU A 110 -4.08 16.32 -21.35
CA GLU A 110 -4.09 14.93 -21.79
C GLU A 110 -2.69 14.33 -21.87
N GLU A 111 -1.64 15.14 -21.99
CA GLU A 111 -0.30 14.57 -22.08
C GLU A 111 0.23 14.17 -20.70
N GLY A 112 -0.20 14.84 -19.65
CA GLY A 112 0.28 14.58 -18.29
C GLY A 112 0.20 15.86 -17.46
N VAL A 113 1.13 15.99 -16.51
CA VAL A 113 1.12 17.15 -15.60
C VAL A 113 2.53 17.72 -15.44
N THR A 114 2.60 19.04 -15.37
CA THR A 114 3.81 19.73 -14.94
C THR A 114 3.53 20.39 -13.60
N PHE A 115 4.54 20.44 -12.75
CA PHE A 115 4.35 20.92 -11.40
C PHE A 115 5.66 21.49 -10.89
N LYS A 116 5.54 22.27 -9.81
CA LYS A 116 6.68 22.84 -9.12
C LYS A 116 6.95 22.00 -7.87
N SER A 117 8.21 21.64 -7.68
CA SER A 117 8.61 20.84 -6.53
C SER A 117 8.31 21.59 -5.24
N HIS A 118 7.75 20.87 -4.26
CA HIS A 118 7.52 21.46 -2.95
C HIS A 118 8.81 21.71 -2.18
N LEU A 119 9.94 21.20 -2.68
CA LEU A 119 11.23 21.36 -2.00
C LEU A 119 11.97 22.61 -2.42
N ASP A 120 11.89 23.03 -3.68
CA ASP A 120 12.68 24.17 -4.12
C ASP A 120 12.09 24.88 -5.33
N GLY A 121 10.86 24.54 -5.71
CA GLY A 121 10.22 25.19 -6.82
C GLY A 121 10.70 24.76 -8.19
N SER A 122 11.67 23.85 -8.28
CA SER A 122 12.08 23.32 -9.57
C SER A 122 10.88 22.72 -10.29
N ARG A 123 10.94 22.72 -11.62
CA ARG A 123 9.82 22.30 -12.46
C ARG A 123 10.02 20.86 -12.91
N HIS A 124 8.98 20.05 -12.79
CA HIS A 124 9.03 18.65 -13.18
C HIS A 124 7.81 18.30 -14.03
N MET A 125 7.87 17.13 -14.63
CA MET A 125 6.81 16.64 -15.51
C MET A 125 6.52 15.19 -15.19
N LEU A 126 5.22 14.83 -15.23
CA LEU A 126 4.85 13.43 -15.18
C LEU A 126 3.86 13.15 -16.30
N SER A 127 4.00 11.98 -16.89
CA SER A 127 3.11 11.48 -17.94
C SER A 127 3.05 9.97 -17.75
N PRO A 128 2.14 9.29 -18.44
CA PRO A 128 2.21 7.82 -18.40
C PRO A 128 3.59 7.30 -18.74
N GLU A 129 4.20 7.86 -19.77
CA GLU A 129 5.47 7.35 -20.26
C GLU A 129 6.60 7.67 -19.27
N ARG A 130 6.59 8.89 -18.73
CA ARG A 130 7.66 9.29 -17.83
C ARG A 130 7.52 8.59 -16.49
N SER A 131 6.30 8.33 -16.05
CA SER A 131 6.11 7.59 -14.79
C SER A 131 6.64 6.18 -14.90
N ILE A 132 6.32 5.49 -15.99
CA ILE A 132 6.83 4.15 -16.21
C ILE A 132 8.36 4.20 -16.32
N GLU A 133 8.90 5.22 -16.99
CA GLU A 133 10.35 5.33 -17.09
C GLU A 133 11.00 5.52 -15.72
N ILE A 134 10.42 6.37 -14.88
CA ILE A 134 10.95 6.56 -13.53
C ILE A 134 10.93 5.25 -12.77
N GLN A 135 9.82 4.52 -12.84
CA GLN A 135 9.72 3.25 -12.11
C GLN A 135 10.69 2.21 -12.68
N HIS A 136 10.99 2.25 -13.98
CA HIS A 136 12.05 1.42 -14.55
C HIS A 136 13.41 1.78 -13.95
N LEU A 137 13.72 3.08 -13.90
CA LEU A 137 14.99 3.56 -13.35
C LEU A 137 15.15 3.13 -11.90
N LEU A 138 14.07 3.20 -11.13
CA LEU A 138 14.15 2.74 -9.74
C LEU A 138 14.35 1.22 -9.65
N GLY A 139 13.87 0.47 -10.65
CA GLY A 139 13.92 -0.99 -10.65
C GLY A 139 12.86 -1.69 -9.85
N SER A 140 11.70 -1.07 -9.66
CA SER A 140 10.69 -1.68 -8.83
C SER A 140 10.10 -2.92 -9.48
N ASP A 141 9.57 -3.79 -8.62
CA ASP A 141 9.04 -5.07 -9.07
C ASP A 141 7.59 -4.99 -9.48
N ILE A 142 6.80 -4.19 -8.80
CA ILE A 142 5.42 -3.91 -9.17
C ILE A 142 5.30 -2.44 -9.50
N VAL A 143 4.92 -2.16 -10.74
CA VAL A 143 4.81 -0.83 -11.31
C VAL A 143 3.33 -0.48 -11.41
N MET A 144 2.96 0.73 -10.95
CA MET A 144 1.60 1.23 -11.06
C MET A 144 1.42 2.08 -12.32
N ALA A 145 0.36 1.79 -13.07
CA ALA A 145 -0.06 2.67 -14.16
C ALA A 145 -0.31 4.09 -13.64
N PHE A 146 -0.03 5.08 -14.48
CA PHE A 146 -0.28 6.49 -14.16
C PHE A 146 -1.73 6.86 -14.50
N ASP A 147 -2.45 7.40 -13.52
CA ASP A 147 -3.85 7.76 -13.72
C ASP A 147 -4.10 9.19 -13.27
N GLU A 148 -5.36 9.63 -13.45
CA GLU A 148 -5.84 10.92 -13.02
C GLU A 148 -6.77 10.69 -11.84
N CYS A 149 -6.44 11.28 -10.70
CA CYS A 149 -7.26 11.10 -9.51
C CYS A 149 -8.52 11.95 -9.60
N THR A 150 -9.59 11.40 -9.04
CA THR A 150 -10.89 12.03 -8.99
C THR A 150 -11.14 12.49 -7.57
N PRO A 151 -11.39 13.76 -7.30
CA PRO A 151 -11.69 14.16 -5.92
C PRO A 151 -13.04 13.62 -5.47
N TYR A 152 -13.23 13.57 -4.16
CA TYR A 152 -14.53 13.24 -3.58
C TYR A 152 -15.02 14.44 -2.79
N PRO A 153 -16.27 14.89 -3.02
CA PRO A 153 -17.25 14.35 -3.97
C PRO A 153 -17.00 14.77 -5.40
N ALA A 154 -17.48 13.98 -6.35
CA ALA A 154 -17.35 14.29 -7.77
C ALA A 154 -18.70 14.13 -8.44
N THR A 155 -19.01 15.04 -9.37
CA THR A 155 -20.21 14.88 -10.18
C THR A 155 -20.06 13.68 -11.10
N PRO A 156 -21.17 13.08 -11.51
CA PRO A 156 -21.07 12.00 -12.52
C PRO A 156 -20.29 12.39 -13.75
N SER A 157 -20.49 13.60 -14.30
CA SER A 157 -19.74 14.02 -15.48
C SER A 157 -18.24 14.06 -15.20
N ARG A 158 -17.83 14.66 -14.08
CA ARG A 158 -16.40 14.76 -13.80
C ARG A 158 -15.80 13.38 -13.52
N ALA A 159 -16.53 12.54 -12.79
CA ALA A 159 -16.04 11.19 -12.52
C ALA A 159 -15.88 10.41 -13.81
N ALA A 160 -16.80 10.61 -14.76
CA ALA A 160 -16.72 9.92 -16.04
C ALA A 160 -15.52 10.40 -16.85
N SER A 161 -15.36 11.72 -16.97
CA SER A 161 -14.24 12.27 -17.73
C SER A 161 -12.90 11.84 -17.16
N SER A 162 -12.77 11.85 -15.84
CA SER A 162 -11.51 11.45 -15.22
C SER A 162 -11.26 9.97 -15.37
N MET A 163 -12.32 9.15 -15.24
CA MET A 163 -12.15 7.73 -15.45
C MET A 163 -11.69 7.43 -16.86
N GLU A 164 -12.29 8.11 -17.85
CA GLU A 164 -11.97 7.89 -19.25
C GLU A 164 -10.53 8.26 -19.54
N ARG A 165 -10.08 9.41 -19.03
CA ARG A 165 -8.69 9.79 -19.21
C ARG A 165 -7.79 8.75 -18.56
N SER A 166 -8.15 8.31 -17.37
CA SER A 166 -7.34 7.30 -16.69
C SER A 166 -7.23 6.03 -17.52
N MET A 167 -8.29 5.64 -18.24
CA MET A 167 -8.22 4.43 -19.05
C MET A 167 -7.33 4.64 -20.26
N ARG A 168 -7.37 5.84 -20.86
CA ARG A 168 -6.43 6.17 -21.94
C ARG A 168 -4.99 6.15 -21.42
N TRP A 169 -4.77 6.68 -20.23
CA TRP A 169 -3.45 6.64 -19.61
C TRP A 169 -3.03 5.24 -19.19
N ALA A 170 -3.99 4.37 -18.88
CA ALA A 170 -3.66 2.97 -18.57
C ALA A 170 -3.11 2.26 -19.80
N LYS A 171 -3.73 2.49 -20.96
CA LYS A 171 -3.22 1.92 -22.20
C LYS A 171 -1.84 2.47 -22.52
N ARG A 172 -1.61 3.77 -22.32
CA ARG A 172 -0.28 4.32 -22.55
C ARG A 172 0.74 3.76 -21.58
N SER A 173 0.34 3.58 -20.32
CA SER A 173 1.22 2.95 -19.34
C SER A 173 1.60 1.54 -19.76
N ARG A 174 0.61 0.76 -20.18
CA ARG A 174 0.84 -0.60 -20.67
C ARG A 174 1.83 -0.62 -21.82
N ASP A 175 1.62 0.23 -22.82
CA ASP A 175 2.51 0.24 -23.99
C ASP A 175 3.93 0.71 -23.62
N ALA A 176 4.05 1.70 -22.73
CA ALA A 176 5.38 2.16 -22.31
C ALA A 176 6.14 1.04 -21.59
N PHE A 177 5.45 0.35 -20.68
CA PHE A 177 6.04 -0.76 -19.93
C PHE A 177 6.44 -1.88 -20.87
N ASP A 178 5.58 -2.22 -21.82
CA ASP A 178 5.90 -3.32 -22.75
C ASP A 178 7.06 -2.98 -23.67
N SER A 179 7.31 -1.69 -23.93
N SER A 179 7.31 -1.69 -23.92
CA SER A 179 8.38 -1.27 -24.82
CA SER A 179 8.38 -1.25 -24.81
C SER A 179 9.75 -1.34 -24.17
C SER A 179 9.75 -1.31 -24.16
N ARG A 180 9.80 -1.56 -22.86
CA ARG A 180 11.05 -1.60 -22.09
C ARG A 180 11.36 -3.07 -21.77
N LYS A 181 12.22 -3.68 -22.58
CA LYS A 181 12.37 -5.14 -22.55
C LYS A 181 12.68 -5.64 -21.14
N GLU A 182 13.65 -5.00 -20.47
CA GLU A 182 14.10 -5.47 -19.17
C GLU A 182 13.02 -5.28 -18.13
N GLN A 183 12.20 -4.24 -18.28
CA GLN A 183 11.12 -4.03 -17.33
C GLN A 183 10.00 -5.04 -17.54
N ALA A 184 9.59 -5.24 -18.79
CA ALA A 184 8.51 -6.15 -19.10
C ALA A 184 8.84 -7.59 -18.73
N GLU A 185 10.12 -7.97 -18.77
CA GLU A 185 10.49 -9.35 -18.46
C GLU A 185 10.63 -9.64 -16.97
N ASN A 186 10.83 -8.62 -16.14
CA ASN A 186 11.18 -8.84 -14.75
C ASN A 186 10.26 -8.20 -13.74
N ALA A 187 9.44 -7.25 -14.16
CA ALA A 187 8.48 -6.55 -13.30
C ALA A 187 7.05 -6.89 -13.73
N ALA A 188 6.13 -6.45 -12.89
CA ALA A 188 4.69 -6.58 -13.11
C ALA A 188 4.06 -5.20 -13.17
N LEU A 189 2.92 -5.10 -13.86
CA LEU A 189 2.24 -3.83 -14.07
C LEU A 189 0.80 -3.99 -13.57
N PHE A 190 0.38 -3.08 -12.69
CA PHE A 190 -0.99 -3.05 -12.15
C PHE A 190 -1.75 -1.87 -12.76
N GLY A 191 -3.03 -2.11 -13.10
CA GLY A 191 -3.94 -1.07 -13.53
C GLY A 191 -4.84 -0.62 -12.39
N ILE A 192 -5.41 0.57 -12.51
CA ILE A 192 -6.21 1.18 -11.43
C ILE A 192 -7.62 1.48 -11.91
N GLN A 193 -8.62 0.87 -11.27
CA GLN A 193 -10.01 1.16 -11.55
C GLN A 193 -10.43 2.49 -10.95
N GLN A 194 -11.17 3.30 -11.74
CA GLN A 194 -11.71 4.59 -11.30
C GLN A 194 -13.24 4.56 -11.47
N GLY A 195 -13.88 5.73 -11.33
CA GLY A 195 -15.33 5.78 -11.42
C GLY A 195 -16.04 6.31 -10.19
N SER A 196 -15.27 6.82 -9.23
CA SER A 196 -15.81 7.43 -8.01
C SER A 196 -16.76 6.43 -7.35
N VAL A 197 -17.97 6.84 -6.96
CA VAL A 197 -18.89 5.99 -6.24
C VAL A 197 -19.96 5.41 -7.17
N PHE A 198 -19.76 5.51 -8.49
CA PHE A 198 -20.81 5.21 -9.47
C PHE A 198 -20.59 3.83 -10.07
N GLU A 199 -21.55 2.94 -9.88
CA GLU A 199 -21.42 1.56 -10.32
C GLU A 199 -21.17 1.43 -11.83
N ASN A 200 -21.89 2.20 -12.65
CA ASN A 200 -21.73 2.08 -14.11
C ASN A 200 -20.32 2.47 -14.56
N LEU A 201 -19.76 3.53 -13.97
CA LEU A 201 -18.41 3.94 -14.34
C LEU A 201 -17.39 2.95 -13.83
N ARG A 202 -17.62 2.38 -12.65
CA ARG A 202 -16.73 1.35 -12.13
C ARG A 202 -16.71 0.15 -13.06
N GLN A 203 -17.87 -0.23 -13.60
CA GLN A 203 -17.94 -1.35 -14.52
C GLN A 203 -17.21 -1.03 -15.81
N GLN A 204 -17.46 0.14 -16.38
CA GLN A 204 -16.76 0.55 -17.59
C GLN A 204 -15.25 0.53 -17.36
N SER A 205 -14.81 0.99 -16.19
CA SER A 205 -13.39 1.04 -15.91
C SER A 205 -12.80 -0.37 -15.79
N ALA A 206 -13.49 -1.26 -15.08
CA ALA A 206 -13.00 -2.63 -14.96
C ALA A 206 -12.93 -3.30 -16.33
N ASP A 207 -13.93 -3.07 -17.18
CA ASP A 207 -13.94 -3.71 -18.49
C ASP A 207 -12.79 -3.19 -19.36
N ALA A 208 -12.53 -1.89 -19.32
CA ALA A 208 -11.42 -1.33 -20.09
C ALA A 208 -10.08 -1.89 -19.61
N LEU A 209 -9.89 -1.96 -18.28
CA LEU A 209 -8.63 -2.46 -17.76
C LEU A 209 -8.41 -3.92 -18.11
N ALA A 210 -9.47 -4.73 -18.02
CA ALA A 210 -9.33 -6.13 -18.40
C ALA A 210 -9.04 -6.28 -19.89
N GLU A 211 -9.60 -5.40 -20.73
CA GLU A 211 -9.32 -5.47 -22.16
C GLU A 211 -7.85 -5.14 -22.45
N ILE A 212 -7.28 -4.18 -21.72
CA ILE A 212 -5.86 -3.87 -21.85
C ILE A 212 -5.03 -5.02 -21.31
N GLY A 213 -5.38 -5.53 -20.13
CA GLY A 213 -4.66 -6.63 -19.50
C GLY A 213 -3.57 -6.16 -18.56
N PHE A 214 -3.68 -6.54 -17.28
CA PHE A 214 -2.71 -6.19 -16.27
C PHE A 214 -2.43 -7.40 -15.39
N ASP A 215 -1.32 -7.33 -14.65
CA ASP A 215 -0.97 -8.41 -13.73
C ASP A 215 -1.77 -8.34 -12.45
N GLY A 216 -2.29 -7.17 -12.11
CA GLY A 216 -3.11 -6.98 -10.94
C GLY A 216 -3.90 -5.70 -11.11
N TYR A 217 -4.86 -5.50 -10.22
CA TYR A 217 -5.86 -4.46 -10.39
C TYR A 217 -6.10 -3.78 -9.06
N ALA A 218 -5.90 -2.49 -9.04
CA ALA A 218 -6.20 -1.71 -7.86
C ALA A 218 -7.59 -1.10 -7.98
N VAL A 219 -8.21 -0.90 -6.82
CA VAL A 219 -9.44 -0.12 -6.72
C VAL A 219 -8.99 1.26 -6.30
N GLY A 220 -8.99 2.19 -7.24
CA GLY A 220 -8.57 3.54 -6.95
C GLY A 220 -9.72 4.43 -6.54
N GLY A 221 -9.38 5.64 -6.09
CA GLY A 221 -10.38 6.64 -5.82
C GLY A 221 -11.14 6.49 -4.52
N LEU A 222 -10.66 5.65 -3.61
CA LEU A 222 -11.29 5.48 -2.30
C LEU A 222 -10.34 5.93 -1.21
N ALA A 223 -10.86 6.01 0.01
CA ALA A 223 -10.10 6.51 1.16
C ALA A 223 -9.65 7.96 0.92
N VAL A 224 -10.56 8.75 0.36
CA VAL A 224 -10.28 10.14 0.02
C VAL A 224 -11.30 11.06 0.69
N GLY A 225 -11.88 10.61 1.79
CA GLY A 225 -12.83 11.40 2.56
C GLY A 225 -14.24 10.86 2.59
N GLU A 226 -14.55 9.75 1.92
CA GLU A 226 -15.92 9.27 1.84
C GLU A 226 -16.38 8.53 3.09
N GLY A 227 -15.46 8.03 3.90
CA GLY A 227 -15.86 7.33 5.11
C GLY A 227 -16.03 5.83 4.87
N GLN A 228 -15.96 5.07 5.96
CA GLN A 228 -15.86 3.62 5.83
C GLN A 228 -17.11 2.99 5.24
N ASP A 229 -18.30 3.44 5.65
CA ASP A 229 -19.52 2.83 5.14
C ASP A 229 -19.59 2.97 3.64
N GLU A 230 -19.31 4.17 3.15
CA GLU A 230 -19.35 4.42 1.71
C GLU A 230 -18.22 3.68 1.00
N MET A 231 -17.03 3.65 1.59
CA MET A 231 -15.96 2.87 0.99
C MET A 231 -16.37 1.41 0.85
N PHE A 232 -16.92 0.83 1.92
CA PHE A 232 -17.37 -0.56 1.88
C PHE A 232 -18.48 -0.77 0.85
N ARG A 233 -19.40 0.20 0.72
CA ARG A 233 -20.48 0.04 -0.25
C ARG A 233 -19.94 0.00 -1.68
N VAL A 234 -18.94 0.83 -1.97
CA VAL A 234 -18.36 0.86 -3.32
C VAL A 234 -17.56 -0.41 -3.57
N LEU A 235 -16.81 -0.89 -2.57
CA LEU A 235 -16.09 -2.16 -2.71
C LEU A 235 -17.05 -3.31 -2.97
N ASP A 236 -18.21 -3.31 -2.31
CA ASP A 236 -19.20 -4.38 -2.49
C ASP A 236 -19.45 -4.65 -3.97
N PHE A 237 -19.63 -3.60 -4.78
CA PHE A 237 -19.91 -3.83 -6.20
C PHE A 237 -18.69 -3.74 -7.09
N SER A 238 -17.62 -3.07 -6.64
CA SER A 238 -16.49 -2.81 -7.52
C SER A 238 -15.53 -4.00 -7.61
N VAL A 239 -15.24 -4.68 -6.50
CA VAL A 239 -14.25 -5.75 -6.54
C VAL A 239 -14.69 -6.91 -7.41
N PRO A 240 -15.97 -7.33 -7.40
CA PRO A 240 -16.39 -8.43 -8.27
C PRO A 240 -16.30 -8.12 -9.74
N MET A 241 -16.12 -6.86 -10.13
CA MET A 241 -15.94 -6.51 -11.53
C MET A 241 -14.53 -6.78 -12.02
N LEU A 242 -13.57 -6.90 -11.13
CA LEU A 242 -12.18 -7.11 -11.53
C LEU A 242 -11.97 -8.60 -11.81
N PRO A 243 -11.00 -8.94 -12.65
CA PRO A 243 -10.66 -10.35 -12.85
C PRO A 243 -10.41 -11.01 -11.50
N ASP A 244 -11.04 -12.18 -11.31
CA ASP A 244 -10.94 -12.89 -10.05
C ASP A 244 -9.55 -13.47 -9.85
N ASP A 245 -8.86 -13.83 -10.93
CA ASP A 245 -7.63 -14.60 -10.83
C ASP A 245 -6.38 -13.75 -10.65
N LYS A 246 -6.52 -12.44 -10.47
CA LYS A 246 -5.39 -11.55 -10.28
C LYS A 246 -5.56 -10.81 -8.96
N PRO A 247 -4.45 -10.32 -8.39
CA PRO A 247 -4.53 -9.60 -7.12
C PRO A 247 -5.39 -8.35 -7.21
N HIS A 248 -6.07 -8.02 -6.11
CA HIS A 248 -6.89 -6.82 -5.94
C HIS A 248 -6.24 -5.96 -4.88
N TYR A 249 -5.85 -4.74 -5.24
CA TYR A 249 -5.03 -3.86 -4.39
C TYR A 249 -5.85 -2.63 -4.00
N LEU A 250 -5.98 -2.39 -2.71
CA LEU A 250 -6.66 -1.18 -2.20
C LEU A 250 -5.60 -0.21 -1.69
N MET A 251 -5.38 0.88 -2.42
CA MET A 251 -4.30 1.79 -2.14
C MET A 251 -4.68 2.74 -1.02
N GLY A 252 -3.74 2.99 -0.11
CA GLY A 252 -3.90 3.99 0.94
C GLY A 252 -4.92 3.62 2.00
N VAL A 253 -5.00 2.34 2.35
CA VAL A 253 -5.89 1.82 3.38
C VAL A 253 -5.10 0.82 4.21
N GLY A 254 -5.16 0.87 5.54
CA GLY A 254 -5.93 1.82 6.31
C GLY A 254 -5.87 1.40 7.76
N LYS A 255 -6.91 1.74 8.52
CA LYS A 255 -6.98 1.30 9.89
C LYS A 255 -7.20 -0.21 9.91
N PRO A 256 -6.87 -0.86 11.02
CA PRO A 256 -7.06 -2.31 11.10
C PRO A 256 -8.45 -2.77 10.70
N ASP A 257 -9.50 -2.07 11.14
CA ASP A 257 -10.86 -2.47 10.80
C ASP A 257 -11.18 -2.20 9.32
N ASP A 258 -10.57 -1.19 8.70
CA ASP A 258 -10.69 -1.00 7.25
C ASP A 258 -10.14 -2.19 6.51
N ILE A 259 -8.98 -2.69 6.96
CA ILE A 259 -8.33 -3.81 6.28
C ILE A 259 -9.19 -5.06 6.36
N VAL A 260 -9.69 -5.39 7.55
CA VAL A 260 -10.50 -6.59 7.75
C VAL A 260 -11.73 -6.56 6.85
N GLY A 261 -12.45 -5.44 6.84
CA GLY A 261 -13.66 -5.38 6.03
C GLY A 261 -13.37 -5.37 4.54
N ALA A 262 -12.23 -4.81 4.16
CA ALA A 262 -11.83 -4.86 2.76
C ALA A 262 -11.45 -6.27 2.31
N VAL A 263 -10.79 -7.04 3.18
CA VAL A 263 -10.51 -8.43 2.86
C VAL A 263 -11.81 -9.21 2.71
N GLU A 264 -12.80 -8.94 3.57
CA GLU A 264 -14.12 -9.55 3.47
C GLU A 264 -14.77 -9.24 2.14
N ARG A 265 -14.29 -8.21 1.44
CA ARG A 265 -14.86 -7.82 0.16
C ARG A 265 -13.96 -8.15 -1.02
N GLY A 266 -12.89 -8.93 -0.80
CA GLY A 266 -12.08 -9.45 -1.88
C GLY A 266 -10.78 -8.74 -2.15
N ILE A 267 -10.30 -7.89 -1.24
CA ILE A 267 -9.01 -7.21 -1.41
C ILE A 267 -7.88 -8.09 -0.90
N ASP A 268 -6.76 -8.12 -1.64
CA ASP A 268 -5.59 -8.95 -1.38
C ASP A 268 -4.36 -8.15 -0.93
N MET A 269 -4.31 -6.85 -1.17
CA MET A 269 -3.10 -6.07 -0.94
C MET A 269 -3.49 -4.67 -0.45
N PHE A 270 -2.66 -4.11 0.45
CA PHE A 270 -2.88 -2.83 1.08
C PHE A 270 -1.54 -2.13 1.30
N ASP A 271 -1.57 -0.80 1.28
CA ASP A 271 -0.47 0.02 1.80
C ASP A 271 -1.09 1.14 2.59
N CYS A 272 -0.38 1.62 3.60
CA CYS A 272 -0.81 2.88 4.21
C CYS A 272 0.31 3.45 5.06
N VAL A 273 0.25 4.77 5.23
CA VAL A 273 1.18 5.48 6.11
C VAL A 273 0.78 5.39 7.58
N LEU A 274 -0.44 4.95 7.90
CA LEU A 274 -0.90 5.02 9.29
C LEU A 274 0.04 4.41 10.32
N PRO A 275 0.53 3.18 10.17
CA PRO A 275 1.34 2.60 11.27
C PRO A 275 2.64 3.36 11.50
N THR A 276 3.29 3.82 10.44
CA THR A 276 4.52 4.56 10.59
C THR A 276 4.28 5.99 11.08
N ARG A 277 3.45 6.75 10.34
CA ARG A 277 3.20 8.14 10.68
CA ARG A 277 3.20 8.14 10.68
C ARG A 277 2.54 8.26 12.05
N SER A 278 1.50 7.49 12.30
CA SER A 278 0.83 7.65 13.59
C SER A 278 1.71 7.10 14.72
N GLY A 279 2.59 6.14 14.44
CA GLY A 279 3.56 5.71 15.43
C GLY A 279 4.48 6.82 15.88
N ARG A 280 5.04 7.56 14.92
CA ARG A 280 5.91 8.69 15.27
C ARG A 280 5.17 9.75 16.05
N ASN A 281 3.85 9.83 15.87
CA ASN A 281 3.00 10.81 16.54
C ASN A 281 2.46 10.31 17.88
N GLY A 282 2.77 9.08 18.25
CA GLY A 282 2.41 8.56 19.54
C GLY A 282 1.21 7.65 19.60
N GLN A 283 0.69 7.19 18.45
CA GLN A 283 -0.44 6.27 18.45
C GLN A 283 0.09 4.84 18.25
N ALA A 284 -0.22 3.97 19.20
CA ALA A 284 0.14 2.56 19.14
C ALA A 284 -1.11 1.73 18.95
N PHE A 285 -1.06 0.79 18.01
CA PHE A 285 -2.14 -0.16 17.83
C PHE A 285 -2.04 -1.32 18.81
N THR A 286 -3.18 -1.70 19.37
CA THR A 286 -3.27 -2.85 20.26
C THR A 286 -4.52 -3.64 19.89
N TRP A 287 -4.59 -4.88 20.36
CA TRP A 287 -5.75 -5.71 20.08
C TRP A 287 -7.00 -5.19 20.77
N ASP A 288 -6.85 -4.27 21.72
CA ASP A 288 -7.99 -3.62 22.35
C ASP A 288 -8.22 -2.22 21.81
N GLY A 289 -7.70 -1.90 20.63
CA GLY A 289 -7.83 -0.60 20.01
C GLY A 289 -6.58 0.22 20.15
N PRO A 290 -6.56 1.36 19.49
CA PRO A 290 -5.37 2.21 19.53
C PRO A 290 -5.28 2.94 20.87
N ILE A 291 -4.05 3.25 21.25
CA ILE A 291 -3.79 4.09 22.42
C ILE A 291 -2.86 5.21 22.01
N ASN A 292 -2.98 6.37 22.68
CA ASN A 292 -2.01 7.47 22.53
C ASN A 292 -1.04 7.40 23.71
N ILE A 293 0.16 6.90 23.42
CA ILE A 293 1.15 6.63 24.44
C ILE A 293 1.56 7.87 25.21
N ARG A 294 1.36 9.07 24.64
CA ARG A 294 1.70 10.30 25.33
C ARG A 294 0.76 10.58 26.49
N ASN A 295 -0.37 9.90 26.57
CA ASN A 295 -1.34 10.21 27.61
C ASN A 295 -0.74 9.90 28.98
N ALA A 296 -0.95 10.81 29.93
CA ALA A 296 -0.37 10.67 31.26
C ALA A 296 -0.72 9.35 31.95
N ARG A 297 -1.83 8.69 31.57
CA ARG A 297 -2.18 7.43 32.22
C ARG A 297 -1.13 6.35 31.99
N PHE A 298 -0.24 6.53 31.02
CA PHE A 298 0.80 5.54 30.74
C PHE A 298 2.13 5.84 31.39
N SER A 299 2.25 6.93 32.15
CA SER A 299 3.55 7.38 32.63
C SER A 299 4.21 6.40 33.59
N GLU A 300 3.43 5.55 34.26
CA GLU A 300 3.97 4.55 35.19
C GLU A 300 3.46 3.14 34.88
N ASP A 301 3.05 2.90 33.64
CA ASP A 301 2.51 1.61 33.20
C ASP A 301 3.67 0.74 32.71
N LEU A 302 3.98 -0.31 33.46
CA LEU A 302 5.11 -1.18 33.17
C LEU A 302 4.78 -2.27 32.16
N LYS A 303 3.52 -2.40 31.75
CA LYS A 303 3.21 -3.36 30.70
C LYS A 303 3.76 -2.91 29.35
N PRO A 304 4.03 -3.84 28.45
CA PRO A 304 4.39 -3.46 27.07
C PRO A 304 3.21 -2.81 26.35
N LEU A 305 3.51 -2.26 25.16
CA LEU A 305 2.48 -1.61 24.35
C LEU A 305 1.24 -2.50 24.22
N ASP A 306 1.44 -3.76 23.87
CA ASP A 306 0.36 -4.76 23.87
C ASP A 306 0.89 -6.03 24.51
N SER A 307 0.12 -6.61 25.43
CA SER A 307 0.62 -7.74 26.21
C SER A 307 0.49 -9.09 25.50
N GLU A 308 -0.01 -9.13 24.28
CA GLU A 308 0.02 -10.35 23.48
C GLU A 308 0.87 -10.23 22.24
N CYS A 309 1.31 -9.03 21.89
CA CYS A 309 2.10 -8.81 20.68
C CYS A 309 3.44 -9.57 20.75
N HIS A 310 3.84 -10.14 19.62
CA HIS A 310 5.07 -10.92 19.52
C HIS A 310 6.29 -10.08 19.18
N CYS A 311 6.15 -8.78 18.98
CA CYS A 311 7.27 -8.02 18.42
C CYS A 311 8.37 -7.80 19.46
N ALA A 312 9.56 -7.43 18.97
CA ALA A 312 10.71 -7.27 19.86
C ALA A 312 10.52 -6.13 20.82
N VAL A 313 9.77 -5.09 20.42
CA VAL A 313 9.57 -3.95 21.31
C VAL A 313 8.78 -4.37 22.52
N CYS A 314 7.75 -5.20 22.32
CA CYS A 314 6.90 -5.62 23.42
C CYS A 314 7.56 -6.69 24.28
N GLN A 315 8.63 -7.33 23.81
CA GLN A 315 9.40 -8.20 24.69
C GLN A 315 10.34 -7.43 25.61
N LYS A 316 10.67 -6.19 25.30
CA LYS A 316 11.80 -5.52 25.95
C LYS A 316 11.46 -4.22 26.69
N TRP A 317 10.49 -3.42 26.24
CA TRP A 317 10.30 -2.09 26.80
C TRP A 317 8.85 -1.87 27.24
N SER A 318 8.70 -0.99 28.22
CA SER A 318 7.40 -0.67 28.80
C SER A 318 6.73 0.51 28.11
N ARG A 319 5.40 0.56 28.27
CA ARG A 319 4.62 1.76 27.96
C ARG A 319 5.20 3.00 28.63
N ALA A 320 5.59 2.87 29.90
CA ALA A 320 6.11 4.03 30.62
C ALA A 320 7.35 4.59 29.96
N TYR A 321 8.27 3.71 29.54
CA TYR A 321 9.49 4.17 28.88
C TYR A 321 9.17 4.81 27.54
N ILE A 322 8.31 4.17 26.75
CA ILE A 322 8.00 4.70 25.42
C ILE A 322 7.25 6.03 25.54
N HIS A 323 6.35 6.13 26.53
CA HIS A 323 5.69 7.40 26.87
C HIS A 323 6.70 8.51 27.07
N HIS A 324 7.70 8.26 27.91
CA HIS A 324 8.76 9.23 28.14
C HIS A 324 9.51 9.57 26.85
N LEU A 325 9.89 8.57 26.07
CA LEU A 325 10.66 8.87 24.87
C LEU A 325 9.87 9.76 23.92
N ILE A 326 8.58 9.46 23.71
CA ILE A 326 7.80 10.25 22.75
C ILE A 326 7.58 11.66 23.29
N ARG A 327 7.28 11.78 24.58
CA ARG A 327 7.12 13.10 25.16
C ARG A 327 8.38 13.92 25.02
N ALA A 328 9.54 13.28 25.14
CA ALA A 328 10.82 13.97 25.04
C ALA A 328 11.26 14.23 23.61
N GLY A 329 10.53 13.72 22.61
CA GLY A 329 10.90 13.88 21.22
C GLY A 329 12.12 13.06 20.84
N GLU A 330 12.38 11.96 21.52
CA GLU A 330 13.54 11.15 21.25
C GLU A 330 13.34 10.26 20.04
N ILE A 331 14.39 10.17 19.21
CA ILE A 331 14.36 9.31 18.04
C ILE A 331 14.03 7.87 18.39
N LEU A 332 14.58 7.36 19.50
CA LEU A 332 14.27 5.97 19.85
C LEU A 332 12.78 5.76 20.08
N GLY A 333 12.05 6.79 20.54
CA GLY A 333 10.61 6.67 20.66
C GLY A 333 9.94 6.37 19.34
N ALA A 334 10.34 7.12 18.31
CA ALA A 334 9.83 6.88 16.97
C ALA A 334 10.21 5.50 16.48
N MET A 335 11.46 5.06 16.71
CA MET A 335 11.88 3.74 16.28
C MET A 335 11.03 2.65 16.90
N LEU A 336 10.86 2.70 18.22
CA LEU A 336 10.13 1.64 18.91
C LEU A 336 8.65 1.64 18.55
N MET A 337 8.01 2.81 18.51
CA MET A 337 6.59 2.85 18.14
C MET A 337 6.36 2.32 16.73
N THR A 338 7.26 2.69 15.80
CA THR A 338 7.10 2.28 14.42
C THR A 338 7.30 0.78 14.27
N GLU A 339 8.34 0.22 14.89
CA GLU A 339 8.54 -1.22 14.81
C GLU A 339 7.31 -1.95 15.36
N HIS A 340 6.84 -1.57 16.55
CA HIS A 340 5.64 -2.20 17.08
C HIS A 340 4.46 -2.09 16.12
N ASN A 341 4.17 -0.91 15.61
CA ASN A 341 2.95 -0.76 14.80
C ASN A 341 3.05 -1.57 13.52
N ILE A 342 4.21 -1.57 12.86
CA ILE A 342 4.36 -2.41 11.68
C ILE A 342 4.23 -3.89 12.03
N ALA A 343 4.79 -4.30 13.17
CA ALA A 343 4.67 -5.70 13.56
C ALA A 343 3.22 -6.06 13.86
N PHE A 344 2.49 -5.15 14.53
CA PHE A 344 1.08 -5.36 14.77
C PHE A 344 0.35 -5.58 13.45
N TYR A 345 0.62 -4.72 12.47
CA TYR A 345 -0.05 -4.86 11.17
C TYR A 345 0.27 -6.19 10.52
N GLN A 346 1.52 -6.63 10.62
CA GLN A 346 1.88 -7.91 10.00
C GLN A 346 1.24 -9.08 10.75
N GLN A 347 1.18 -9.00 12.08
CA GLN A 347 0.49 -10.02 12.85
C GLN A 347 -1.00 -10.07 12.52
N LEU A 348 -1.61 -8.92 12.26
CA LEU A 348 -2.99 -8.89 11.80
C LEU A 348 -3.14 -9.58 10.46
N MET A 349 -2.23 -9.30 9.52
CA MET A 349 -2.33 -9.94 8.21
C MET A 349 -2.13 -11.45 8.34
N GLN A 350 -1.21 -11.88 9.20
CA GLN A 350 -1.04 -13.31 9.41
C GLN A 350 -2.30 -13.94 9.97
N LYS A 351 -2.92 -13.31 10.96
CA LYS A 351 -4.18 -13.84 11.49
C LYS A 351 -5.26 -13.93 10.41
N ILE A 352 -5.31 -12.95 9.54
CA ILE A 352 -6.27 -12.97 8.43
C ILE A 352 -5.96 -14.15 7.51
N ARG A 353 -4.70 -14.30 7.11
CA ARG A 353 -4.33 -15.39 6.20
C ARG A 353 -4.65 -16.75 6.82
N ASP A 354 -4.28 -16.93 8.08
CA ASP A 354 -4.52 -18.22 8.71
C ASP A 354 -6.01 -18.50 8.82
N SER A 355 -6.80 -17.51 9.25
CA SER A 355 -8.22 -17.76 9.42
C SER A 355 -8.89 -18.07 8.07
N ILE A 356 -8.51 -17.39 6.99
CA ILE A 356 -9.08 -17.75 5.70
C ILE A 356 -8.70 -19.18 5.32
N SER A 357 -7.40 -19.52 5.48
N SER A 357 -7.41 -19.52 5.44
CA SER A 357 -6.89 -20.85 5.16
CA SER A 357 -7.00 -20.88 5.09
C SER A 357 -7.59 -21.94 5.94
C SER A 357 -7.82 -21.90 5.86
N GLU A 358 -8.11 -21.61 7.12
CA GLU A 358 -8.80 -22.54 8.02
C GLU A 358 -10.32 -22.40 7.98
N GLY A 359 -10.86 -21.56 7.11
CA GLY A 359 -12.32 -21.49 7.02
C GLY A 359 -13.00 -20.86 8.21
N ARG A 360 -12.32 -19.96 8.92
CA ARG A 360 -12.86 -19.32 10.10
C ARG A 360 -12.61 -17.81 10.08
N PHE A 361 -12.52 -17.23 8.88
CA PHE A 361 -12.25 -15.79 8.76
C PHE A 361 -13.46 -14.95 9.17
N SER A 362 -14.67 -15.36 8.81
CA SER A 362 -15.83 -14.57 9.23
C SER A 362 -15.89 -14.48 10.74
N GLN A 363 -15.65 -15.59 11.44
CA GLN A 363 -15.58 -15.58 12.90
C GLN A 363 -14.44 -14.69 13.41
N PHE A 364 -13.26 -14.81 12.81
CA PHE A 364 -12.16 -13.95 13.21
C PHE A 364 -12.55 -12.48 13.10
N ALA A 365 -13.12 -12.10 11.96
CA ALA A 365 -13.47 -10.69 11.78
C ALA A 365 -14.46 -10.22 12.84
N GLN A 366 -15.43 -11.05 13.20
CA GLN A 366 -16.36 -10.66 14.27
C GLN A 366 -15.65 -10.54 15.61
N ASP A 367 -14.85 -11.53 15.97
CA ASP A 367 -14.13 -11.50 17.25
C ASP A 367 -13.16 -10.33 17.30
N PHE A 368 -12.46 -10.08 16.20
CA PHE A 368 -11.54 -8.94 16.13
C PHE A 368 -12.26 -7.64 16.40
N ARG A 369 -13.39 -7.41 15.71
CA ARG A 369 -14.10 -6.14 15.85
C ARG A 369 -14.68 -6.00 17.25
N ALA A 370 -15.20 -7.07 17.83
CA ALA A 370 -15.81 -6.98 19.14
C ALA A 370 -14.80 -6.53 20.18
N ARG A 371 -13.58 -7.05 20.10
CA ARG A 371 -12.56 -6.68 21.07
C ARG A 371 -11.91 -5.35 20.74
N TYR A 372 -11.61 -5.10 19.46
CA TYR A 372 -10.93 -3.86 19.09
C TYR A 372 -11.78 -2.64 19.43
N PHE A 373 -13.10 -2.74 19.29
CA PHE A 373 -13.99 -1.62 19.54
C PHE A 373 -14.53 -1.57 20.96
N ALA A 374 -14.22 -2.54 21.81
CA ALA A 374 -14.68 -2.51 23.20
C ALA A 374 -13.93 -1.43 23.97
ZN ZN B . 4.61 -5.01 19.91
C1 PEG C . 13.92 -8.49 -10.36
O1 PEG C . 14.64 -9.02 -11.46
C2 PEG C . 12.74 -7.67 -10.80
O2 PEG C . 13.19 -6.50 -11.46
C3 PEG C . 12.15 -5.55 -11.68
C4 PEG C . 12.70 -4.32 -12.32
O4 PEG C . 13.31 -4.61 -13.57
C1 PEG D . 5.58 16.95 26.95
O1 PEG D . 6.53 17.01 25.89
C2 PEG D . 6.14 17.49 28.22
O2 PEG D . 7.09 16.56 28.74
C3 PEG D . 6.55 15.75 29.75
C4 PEG D . 7.24 14.41 29.73
O4 PEG D . 6.87 13.62 30.83
C1 PEG E . -15.19 -11.49 -12.56
O1 PEG E . -15.00 -10.77 -13.77
C2 PEG E . -14.60 -12.86 -12.62
O2 PEG E . -13.21 -12.76 -12.94
C3 PEG E . -12.68 -13.93 -13.54
C4 PEG E . -11.50 -13.57 -14.39
O4 PEG E . -10.29 -14.00 -13.81
S DMS F . 16.58 -7.72 3.16
O DMS F . 17.33 -6.81 2.26
C1 DMS F . 16.61 -7.04 4.84
C2 DMS F . 14.81 -7.67 2.80
O1 F63 G . -13.11 4.82 -21.78
N2 F63 G . -11.52 7.42 -23.83
C3 F63 G . -11.84 6.62 -22.81
C4 F63 G . -12.84 5.66 -22.88
C5 F63 G . -13.56 5.52 -24.06
C6 F63 G . -13.23 6.35 -25.12
C7 F63 G . -12.21 7.28 -24.97
C8 F63 G . -14.39 4.37 -21.67
O9 F63 G . -15.36 5.31 -21.82
C10 F63 G . -16.57 4.67 -21.61
C11 F63 G . -16.37 3.37 -21.35
C12 F63 G . -14.97 3.16 -21.39
C13 F63 G . -17.77 5.55 -21.70
N14 F63 G . -18.01 6.27 -20.43
C15 F63 G . -19.32 6.98 -20.40
O1 PG4 H . -8.36 -11.04 18.06
C1 PG4 H . -7.38 -12.00 18.39
C2 PG4 H . -6.11 -11.37 18.92
O2 PG4 H . -5.07 -12.33 18.91
C3 PG4 H . -4.25 -12.29 20.06
C4 PG4 H . -3.00 -11.52 19.80
O3 PG4 H . -2.09 -12.26 18.99
C5 PG4 H . -0.82 -11.65 18.83
C6 PG4 H . 0.12 -12.56 18.10
O4 PG4 H . -0.30 -12.77 16.76
C7 PG4 H . 0.52 -13.65 16.02
C8 PG4 H . -0.16 -14.09 14.75
O5 PG4 H . -1.26 -14.96 15.05
C ACT I . 5.20 8.03 6.48
O ACT I . 5.57 7.19 7.31
OXT ACT I . 5.08 9.22 6.88
CH3 ACT I . 4.91 7.62 5.07
C1 PGE J . 7.37 -8.25 29.45
O1 PGE J . 6.38 -8.96 30.19
C2 PGE J . 7.09 -6.80 29.43
O2 PGE J . 8.24 -6.09 28.98
C3 PGE J . 8.07 -4.69 29.03
C4 PGE J . 9.19 -4.08 29.78
O4 PGE J . 9.37 -4.73 34.00
C6 PGE J . 10.03 -3.74 33.21
C5 PGE J . 9.21 -3.37 32.02
O3 PGE J . 9.14 -4.48 31.13
#